data_3CLC
#
_entry.id   3CLC
#
_cell.length_a   104.480
_cell.length_b   104.480
_cell.length_c   139.290
_cell.angle_alpha   90.000
_cell.angle_beta   90.000
_cell.angle_gamma   120.000
#
_symmetry.space_group_name_H-M   'P 65'
#
loop_
_entity.id
_entity.type
_entity.pdbx_description
1 polymer 'Regulatory protein'
2 polymer 35-MER
3 polymer 35-MER
4 non-polymer 'MAGNESIUM ION'
5 water water
#
loop_
_entity_poly.entity_id
_entity_poly.type
_entity_poly.pdbx_seq_one_letter_code
_entity_poly.pdbx_strand_id
1 'polypeptide(L)'
;GSHMESFLLSKVSFVIKKIRLEKGMTQEDLAYKSNLDRTYISGIERNSRNLTIKSLELIMKGLEVSDVVFFEMLIKEILK
HD
;
A,B,C,D
2 'polydeoxyribonucleotide'
;(DA)(DT)(DG)(DT)(DG)(DA)(DC)(DT)(DT)(DA)(DT)(DA)(DG)(DT)(DC)(DC)(DG)(DT)(DG)(DT)
(DG)(DA)(DT)(DT)(DA)(DT)(DA)(DG)(DT)(DC)(DA)(DA)(DC)(DA)(DT)
;
E
3 'polydeoxyribonucleotide'
;(DA)(DT)(DG)(DT)(DT)(DG)(DA)(DC)(DT)(DA)(DT)(DA)(DA)(DT)(DC)(DA)(DC)(DA)(DC)(DG)
(DG)(DA)(DC)(DT)(DA)(DT)(DA)(DA)(DG)(DT)(DC)(DA)(DC)(DA)(DT)
;
F
#
loop_
_chem_comp.id
_chem_comp.type
_chem_comp.name
_chem_comp.formula
DA DNA linking 2'-DEOXYADENOSINE-5'-MONOPHOSPHATE 'C10 H14 N5 O6 P'
DC DNA linking 2'-DEOXYCYTIDINE-5'-MONOPHOSPHATE 'C9 H14 N3 O7 P'
DG DNA linking 2'-DEOXYGUANOSINE-5'-MONOPHOSPHATE 'C10 H14 N5 O7 P'
DT DNA linking THYMIDINE-5'-MONOPHOSPHATE 'C10 H15 N2 O8 P'
MG non-polymer 'MAGNESIUM ION' 'Mg 2'
#
# COMPACT_ATOMS: atom_id res chain seq x y z
N GLU A 5 -17.17 19.98 -14.32
CA GLU A 5 -16.73 21.12 -13.46
C GLU A 5 -16.97 20.86 -11.97
N SER A 6 -16.18 21.51 -11.14
CA SER A 6 -16.25 21.28 -9.70
C SER A 6 -16.96 22.41 -8.99
N PHE A 7 -17.84 22.06 -8.06
CA PHE A 7 -18.56 23.06 -7.30
C PHE A 7 -17.65 24.01 -6.53
N LEU A 8 -16.73 23.43 -5.75
CA LEU A 8 -15.75 24.21 -5.00
C LEU A 8 -14.96 25.10 -5.95
N LEU A 9 -14.44 24.48 -6.99
CA LEU A 9 -13.59 25.20 -7.91
C LEU A 9 -14.31 26.44 -8.42
N SER A 10 -15.62 26.35 -8.58
CA SER A 10 -16.39 27.46 -9.15
C SER A 10 -16.75 28.53 -8.13
N LYS A 11 -16.80 28.18 -6.84
CA LYS A 11 -17.06 29.16 -5.82
C LYS A 11 -15.78 29.92 -5.51
N VAL A 12 -14.66 29.21 -5.56
CA VAL A 12 -13.38 29.83 -5.37
C VAL A 12 -13.22 30.95 -6.39
N SER A 13 -13.44 30.62 -7.65
CA SER A 13 -13.33 31.60 -8.71
C SER A 13 -14.35 32.72 -8.54
N PHE A 14 -15.59 32.38 -8.23
CA PHE A 14 -16.59 33.41 -7.99
C PHE A 14 -16.09 34.41 -6.94
N VAL A 15 -15.55 33.89 -5.86
CA VAL A 15 -15.01 34.72 -4.79
C VAL A 15 -13.86 35.61 -5.28
N ILE A 16 -12.86 35.00 -5.89
CA ILE A 16 -11.75 35.80 -6.40
C ILE A 16 -12.30 36.99 -7.16
N LYS A 17 -13.21 36.73 -8.08
CA LYS A 17 -13.85 37.78 -8.86
C LYS A 17 -14.56 38.79 -7.96
N LYS A 18 -15.29 38.29 -6.97
CA LYS A 18 -16.01 39.15 -6.04
C LYS A 18 -15.06 40.09 -5.31
N ILE A 19 -13.98 39.54 -4.76
CA ILE A 19 -13.06 40.37 -3.99
C ILE A 19 -12.42 41.41 -4.89
N ARG A 20 -12.00 40.98 -6.07
CA ARG A 20 -11.40 41.88 -7.03
C ARG A 20 -12.34 43.05 -7.33
N LEU A 21 -13.62 42.74 -7.41
CA LEU A 21 -14.62 43.73 -7.81
C LEU A 21 -14.90 44.69 -6.68
N GLU A 22 -15.07 44.16 -5.46
CA GLU A 22 -15.19 44.99 -4.28
C GLU A 22 -14.00 45.92 -4.12
N LYS A 23 -12.86 45.55 -4.69
CA LYS A 23 -11.69 46.40 -4.64
C LYS A 23 -11.59 47.30 -5.86
N GLY A 24 -12.58 47.22 -6.75
CA GLY A 24 -12.52 47.92 -8.04
C GLY A 24 -11.26 47.68 -8.85
N MET A 25 -10.65 46.52 -8.68
CA MET A 25 -9.48 46.10 -9.46
C MET A 25 -9.85 45.49 -10.80
N THR A 26 -9.13 45.86 -11.85
CA THR A 26 -9.14 45.08 -13.09
C THR A 26 -8.34 43.78 -12.94
N GLN A 27 -8.60 42.83 -13.84
CA GLN A 27 -7.73 41.66 -14.04
C GLN A 27 -6.28 42.02 -14.30
N GLU A 28 -6.05 42.94 -15.23
CA GLU A 28 -4.71 43.32 -15.59
C GLU A 28 -3.99 43.67 -14.31
N ASP A 29 -4.63 44.51 -13.50
CA ASP A 29 -4.06 44.91 -12.22
C ASP A 29 -3.88 43.76 -11.24
N LEU A 30 -4.86 42.86 -11.14
CA LEU A 30 -4.69 41.70 -10.26
C LEU A 30 -3.55 40.82 -10.74
N ALA A 31 -3.32 40.81 -12.06
CA ALA A 31 -2.25 39.98 -12.61
C ALA A 31 -0.90 40.60 -12.26
N TYR A 32 -0.73 41.88 -12.57
CA TYR A 32 0.45 42.62 -12.14
C TYR A 32 0.72 42.38 -10.65
N LYS A 33 -0.31 42.60 -9.82
CA LYS A 33 -0.13 42.72 -8.37
C LYS A 33 0.36 41.41 -7.77
N SER A 34 -0.05 40.30 -8.38
CA SER A 34 0.18 38.99 -7.81
C SER A 34 1.32 38.27 -8.54
N ASN A 35 1.95 38.97 -9.48
CA ASN A 35 2.89 38.33 -10.40
C ASN A 35 2.39 36.98 -10.93
N LEU A 36 1.25 37.02 -11.63
CA LEU A 36 0.86 35.94 -12.53
C LEU A 36 0.39 36.54 -13.85
N ASP A 37 -0.23 35.73 -14.69
CA ASP A 37 -0.49 36.10 -16.08
C ASP A 37 -1.96 36.44 -16.30
N ARG A 38 -2.20 37.58 -16.95
CA ARG A 38 -3.56 38.02 -17.23
C ARG A 38 -4.43 36.90 -17.81
N THR A 39 -3.87 36.13 -18.73
CA THR A 39 -4.61 35.07 -19.39
C THR A 39 -4.89 33.97 -18.40
N TYR A 40 -4.00 33.81 -17.43
CA TYR A 40 -4.19 32.89 -16.32
C TYR A 40 -5.38 33.30 -15.47
N ILE A 41 -5.44 34.59 -15.14
CA ILE A 41 -6.45 35.09 -14.23
C ILE A 41 -7.81 35.11 -14.90
N SER A 42 -7.83 35.54 -16.16
CA SER A 42 -9.06 35.46 -16.92
C SER A 42 -9.61 34.06 -16.78
N GLY A 43 -8.79 33.07 -17.14
CA GLY A 43 -9.20 31.67 -17.17
C GLY A 43 -9.77 31.16 -15.84
N ILE A 44 -9.11 31.51 -14.74
CA ILE A 44 -9.62 31.17 -13.43
C ILE A 44 -11.01 31.74 -13.23
N GLU A 45 -11.20 32.97 -13.69
CA GLU A 45 -12.40 33.71 -13.34
C GLU A 45 -13.61 33.26 -14.13
N ARG A 46 -13.38 32.68 -15.29
CA ARG A 46 -14.42 31.91 -15.98
C ARG A 46 -14.24 30.42 -15.68
N ASN A 47 -13.79 30.13 -14.46
CA ASN A 47 -13.75 28.76 -13.95
C ASN A 47 -13.21 27.71 -14.92
N SER A 48 -12.29 28.11 -15.78
CA SER A 48 -11.60 27.18 -16.68
C SER A 48 -10.17 26.78 -16.26
N ARG A 49 -9.83 27.02 -15.00
CA ARG A 49 -8.58 26.52 -14.43
C ARG A 49 -8.83 25.98 -13.03
N ASN A 50 -8.14 24.89 -12.70
CA ASN A 50 -8.26 24.22 -11.40
C ASN A 50 -6.92 24.36 -10.68
N LEU A 51 -6.83 25.38 -9.83
CA LEU A 51 -5.52 25.90 -9.45
C LEU A 51 -4.96 25.23 -8.22
N THR A 52 -3.64 25.16 -8.14
CA THR A 52 -2.97 24.69 -6.95
C THR A 52 -3.15 25.65 -5.78
N ILE A 53 -3.06 25.13 -4.56
CA ILE A 53 -3.05 25.96 -3.37
C ILE A 53 -2.02 27.09 -3.52
N LYS A 54 -0.81 26.75 -3.98
CA LYS A 54 0.21 27.78 -4.12
C LYS A 54 -0.27 28.95 -4.95
N SER A 55 -0.96 28.66 -6.04
CA SER A 55 -1.43 29.72 -6.94
C SER A 55 -2.49 30.52 -6.22
N LEU A 56 -3.35 29.81 -5.49
CA LEU A 56 -4.40 30.48 -4.76
C LEU A 56 -3.74 31.50 -3.85
N GLU A 57 -2.63 31.09 -3.27
CA GLU A 57 -1.97 31.88 -2.25
C GLU A 57 -1.43 33.14 -2.93
N LEU A 58 -0.94 32.99 -4.15
CA LEU A 58 -0.41 34.10 -4.89
C LEU A 58 -1.50 35.11 -5.24
N ILE A 59 -2.70 34.60 -5.49
CA ILE A 59 -3.81 35.43 -5.94
C ILE A 59 -4.33 36.19 -4.74
N MET A 60 -4.27 35.53 -3.59
CA MET A 60 -4.67 36.13 -2.34
C MET A 60 -3.75 37.29 -1.99
N LYS A 61 -2.45 37.13 -2.25
CA LYS A 61 -1.50 38.21 -2.00
C LYS A 61 -1.74 39.37 -2.93
N GLY A 62 -2.27 39.07 -4.11
CA GLY A 62 -2.52 40.07 -5.13
C GLY A 62 -3.80 40.83 -4.84
N LEU A 63 -4.84 40.10 -4.45
CA LEU A 63 -6.04 40.75 -3.93
C LEU A 63 -5.75 41.55 -2.66
N GLU A 64 -4.66 41.18 -1.98
CA GLU A 64 -4.26 41.78 -0.71
C GLU A 64 -5.21 41.44 0.42
N VAL A 65 -5.60 40.17 0.45
CA VAL A 65 -6.47 39.66 1.50
C VAL A 65 -5.84 38.49 2.24
N SER A 66 -6.05 38.42 3.54
CA SER A 66 -5.51 37.35 4.36
C SER A 66 -6.28 36.08 4.03
N ASP A 67 -5.58 34.94 4.09
CA ASP A 67 -6.24 33.65 3.89
C ASP A 67 -7.48 33.55 4.75
N VAL A 68 -7.37 33.99 5.99
CA VAL A 68 -8.52 33.95 6.86
C VAL A 68 -9.76 34.64 6.29
N VAL A 69 -9.64 35.87 5.82
CA VAL A 69 -10.83 36.54 5.28
C VAL A 69 -11.26 35.95 3.95
N PHE A 70 -10.31 35.37 3.22
CA PHE A 70 -10.67 34.72 1.96
C PHE A 70 -11.60 33.54 2.23
N PHE A 71 -11.24 32.72 3.19
CA PHE A 71 -11.99 31.51 3.47
C PHE A 71 -13.28 31.82 4.20
N GLU A 72 -13.27 32.86 5.02
CA GLU A 72 -14.52 33.32 5.62
C GLU A 72 -15.49 33.61 4.49
N MET A 73 -15.00 34.28 3.45
CA MET A 73 -15.86 34.67 2.33
C MET A 73 -16.28 33.45 1.54
N LEU A 74 -15.34 32.53 1.35
CA LEU A 74 -15.58 31.34 0.56
C LEU A 74 -16.71 30.52 1.18
N ILE A 75 -16.72 30.43 2.51
CA ILE A 75 -17.72 29.66 3.23
C ILE A 75 -19.07 30.32 3.03
N LYS A 76 -19.08 31.64 3.15
CA LYS A 76 -20.35 32.36 3.07
C LYS A 76 -20.91 32.09 1.68
N GLU A 77 -20.05 32.15 0.67
CA GLU A 77 -20.49 32.01 -0.71
C GLU A 77 -21.01 30.60 -0.96
N ILE A 78 -20.32 29.64 -0.38
CA ILE A 78 -20.67 28.23 -0.53
C ILE A 78 -22.08 27.96 -0.01
N LEU A 79 -22.47 28.70 1.02
CA LEU A 79 -23.73 28.41 1.72
C LEU A 79 -24.96 29.00 1.03
N LYS A 80 -24.74 29.75 -0.04
CA LYS A 80 -25.79 30.09 -1.00
C LYS A 80 -26.34 31.48 -0.77
N GLU B 5 7.43 24.85 2.19
CA GLU B 5 7.75 25.91 1.25
C GLU B 5 6.92 27.15 1.49
N SER B 6 5.64 26.93 1.70
CA SER B 6 4.63 27.99 1.69
C SER B 6 3.65 27.88 2.87
N PHE B 7 3.20 29.04 3.36
CA PHE B 7 2.32 29.11 4.52
C PHE B 7 1.10 28.18 4.43
N LEU B 8 0.23 28.42 3.46
CA LEU B 8 -1.08 27.80 3.44
C LEU B 8 -0.97 26.27 3.35
N LEU B 9 0.02 25.80 2.63
CA LEU B 9 0.20 24.37 2.43
C LEU B 9 0.45 23.62 3.73
N SER B 10 1.42 24.09 4.51
CA SER B 10 1.71 23.41 5.75
C SER B 10 0.45 23.39 6.62
N LYS B 11 -0.33 24.45 6.56
CA LYS B 11 -1.61 24.48 7.27
C LYS B 11 -2.60 23.48 6.69
N VAL B 12 -2.69 23.42 5.36
CA VAL B 12 -3.60 22.47 4.75
C VAL B 12 -3.27 21.03 5.12
N SER B 13 -2.01 20.64 5.00
CA SER B 13 -1.63 19.27 5.34
C SER B 13 -1.74 18.96 6.82
N PHE B 14 -1.55 19.97 7.67
CA PHE B 14 -1.76 19.75 9.10
C PHE B 14 -3.21 19.41 9.37
N VAL B 15 -4.12 20.11 8.69
CA VAL B 15 -5.55 19.87 8.90
C VAL B 15 -6.05 18.51 8.39
N ILE B 16 -5.52 18.08 7.24
CA ILE B 16 -5.87 16.77 6.68
C ILE B 16 -5.47 15.64 7.64
N LYS B 17 -4.25 15.72 8.16
CA LYS B 17 -3.81 14.74 9.14
C LYS B 17 -4.62 14.83 10.45
N LYS B 18 -5.05 16.04 10.81
CA LYS B 18 -5.77 16.21 12.08
C LYS B 18 -7.14 15.53 12.02
N ILE B 19 -7.90 15.88 10.99
CA ILE B 19 -9.17 15.23 10.76
C ILE B 19 -9.00 13.72 10.64
N ARG B 20 -8.05 13.27 9.83
CA ARG B 20 -7.92 11.84 9.58
C ARG B 20 -7.78 11.06 10.88
N LEU B 21 -6.92 11.53 11.79
CA LEU B 21 -6.68 10.83 13.04
C LEU B 21 -7.89 10.96 13.94
N GLU B 22 -8.47 12.16 13.99
CA GLU B 22 -9.73 12.34 14.70
C GLU B 22 -10.75 11.27 14.30
N LYS B 23 -10.82 10.95 13.02
CA LYS B 23 -11.79 9.96 12.55
C LYS B 23 -11.28 8.52 12.66
N GLY B 24 -10.06 8.36 13.19
CA GLY B 24 -9.47 7.04 13.39
C GLY B 24 -9.15 6.34 12.08
N MET B 25 -9.07 7.10 10.99
CA MET B 25 -8.66 6.54 9.71
C MET B 25 -7.14 6.45 9.65
N THR B 26 -6.64 5.43 8.97
CA THR B 26 -5.24 5.38 8.58
C THR B 26 -5.10 5.98 7.20
N GLN B 27 -3.87 6.31 6.80
CA GLN B 27 -3.63 6.79 5.45
C GLN B 27 -4.25 5.86 4.42
N GLU B 28 -4.27 4.59 4.63
CA GLU B 28 -4.83 3.94 3.49
C GLU B 28 -6.30 3.89 3.35
N ASP B 29 -7.03 3.66 4.40
CA ASP B 29 -8.43 4.02 4.18
C ASP B 29 -8.50 5.33 3.40
N LEU B 30 -8.02 6.42 3.99
CA LEU B 30 -8.19 7.71 3.37
C LEU B 30 -7.95 7.60 1.88
N ALA B 31 -6.86 6.95 1.48
CA ALA B 31 -6.46 6.94 0.07
C ALA B 31 -7.43 6.20 -0.84
N TYR B 32 -8.02 5.15 -0.35
CA TYR B 32 -8.99 4.51 -1.17
C TYR B 32 -10.16 5.39 -1.14
N LYS B 33 -10.67 5.58 0.07
CA LYS B 33 -11.94 6.26 0.26
C LYS B 33 -12.06 7.54 -0.57
N SER B 34 -10.91 8.08 -0.96
CA SER B 34 -10.86 9.35 -1.64
C SER B 34 -10.17 9.27 -2.99
N ASN B 35 -9.91 8.05 -3.46
CA ASN B 35 -9.49 7.79 -4.86
C ASN B 35 -8.17 8.48 -5.23
N LEU B 36 -7.20 8.40 -4.33
CA LEU B 36 -5.83 8.81 -4.65
C LEU B 36 -4.86 7.71 -4.23
N ASP B 37 -3.63 7.79 -4.73
CA ASP B 37 -2.56 6.88 -4.32
C ASP B 37 -2.34 6.83 -2.80
N ARG B 38 -1.95 5.67 -2.29
CA ARG B 38 -1.51 5.55 -0.91
C ARG B 38 -0.31 6.47 -0.68
N THR B 39 0.56 6.58 -1.68
CA THR B 39 1.73 7.44 -1.61
C THR B 39 1.35 8.91 -1.64
N TYR B 40 0.35 9.28 -2.44
CA TYR B 40 0.01 10.69 -2.50
C TYR B 40 -0.41 11.24 -1.16
N ILE B 41 -1.29 10.50 -0.46
CA ILE B 41 -1.78 10.93 0.85
C ILE B 41 -0.62 11.10 1.82
N SER B 42 0.30 10.14 1.80
CA SER B 42 1.47 10.20 2.65
C SER B 42 2.21 11.51 2.38
N GLY B 43 2.44 11.77 1.10
CA GLY B 43 3.29 12.88 0.67
C GLY B 43 2.67 14.23 1.02
N ILE B 44 1.36 14.33 0.89
CA ILE B 44 0.66 15.49 1.40
C ILE B 44 0.96 15.65 2.88
N GLU B 45 0.89 14.56 3.63
CA GLU B 45 0.95 14.70 5.08
C GLU B 45 2.34 15.03 5.57
N ARG B 46 3.39 14.57 4.87
CA ARG B 46 4.73 15.13 5.04
C ARG B 46 4.85 16.49 4.35
N ASN B 47 3.71 17.15 4.19
CA ASN B 47 3.65 18.52 3.71
C ASN B 47 4.57 18.77 2.54
N SER B 48 4.87 17.69 1.82
CA SER B 48 5.74 17.78 0.65
C SER B 48 4.94 17.89 -0.63
N ARG B 49 3.65 18.26 -0.51
CA ARG B 49 2.85 18.37 -1.73
C ARG B 49 1.87 19.53 -1.85
N ASN B 50 1.87 20.14 -3.04
CA ASN B 50 1.01 21.28 -3.31
C ASN B 50 -0.16 20.85 -4.18
N LEU B 51 -1.28 20.53 -3.55
CA LEU B 51 -2.43 19.98 -4.26
C LEU B 51 -3.34 20.99 -4.94
N THR B 52 -4.00 20.48 -5.95
CA THR B 52 -5.07 21.10 -6.70
C THR B 52 -6.33 21.21 -5.84
N ILE B 53 -7.16 22.21 -6.07
CA ILE B 53 -8.46 22.23 -5.40
C ILE B 53 -9.26 20.93 -5.65
N LYS B 54 -9.31 20.48 -6.90
CA LYS B 54 -10.00 19.23 -7.19
C LYS B 54 -9.51 18.10 -6.30
N SER B 55 -8.20 18.03 -6.06
CA SER B 55 -7.69 16.95 -5.25
C SER B 55 -8.14 17.14 -3.82
N LEU B 56 -8.07 18.39 -3.35
CA LEU B 56 -8.53 18.75 -2.03
C LEU B 56 -9.97 18.27 -1.86
N GLU B 57 -10.81 18.59 -2.84
CA GLU B 57 -12.20 18.17 -2.80
C GLU B 57 -12.29 16.66 -2.58
N LEU B 58 -11.46 15.91 -3.29
CA LEU B 58 -11.52 14.45 -3.22
C LEU B 58 -11.10 13.95 -1.85
N ILE B 59 -10.14 14.64 -1.25
CA ILE B 59 -9.70 14.30 0.08
C ILE B 59 -10.80 14.63 1.09
N MET B 60 -11.51 15.72 0.86
CA MET B 60 -12.57 16.12 1.78
C MET B 60 -13.67 15.07 1.78
N LYS B 61 -14.03 14.59 0.59
CA LYS B 61 -15.03 13.53 0.51
C LYS B 61 -14.45 12.28 1.15
N GLY B 62 -13.12 12.21 1.17
CA GLY B 62 -12.45 11.06 1.73
C GLY B 62 -12.60 11.04 3.24
N LEU B 63 -12.39 12.20 3.85
CA LEU B 63 -12.46 12.31 5.30
C LEU B 63 -13.90 12.32 5.78
N GLU B 64 -14.82 12.21 4.83
CA GLU B 64 -16.25 12.23 5.13
C GLU B 64 -16.60 13.54 5.83
N VAL B 65 -16.17 14.65 5.24
CA VAL B 65 -16.27 15.96 5.86
C VAL B 65 -16.72 17.01 4.84
N SER B 66 -17.55 17.97 5.25
CA SER B 66 -18.02 18.97 4.29
C SER B 66 -16.95 20.05 3.97
N ASP B 67 -16.92 20.52 2.73
CA ASP B 67 -16.06 21.67 2.37
C ASP B 67 -16.11 22.73 3.47
N VAL B 68 -17.31 23.16 3.83
CA VAL B 68 -17.49 24.11 4.91
C VAL B 68 -16.67 23.74 6.15
N VAL B 69 -17.02 22.66 6.84
CA VAL B 69 -16.35 22.35 8.09
C VAL B 69 -14.85 22.21 7.88
N PHE B 70 -14.43 21.81 6.69
CA PHE B 70 -12.99 21.71 6.47
C PHE B 70 -12.34 23.07 6.58
N PHE B 71 -12.89 24.05 5.86
CA PHE B 71 -12.32 25.40 5.86
C PHE B 71 -12.43 26.07 7.23
N GLU B 72 -13.41 25.65 8.01
CA GLU B 72 -13.57 26.17 9.35
C GLU B 72 -12.42 25.72 10.22
N MET B 73 -11.79 24.62 9.85
CA MET B 73 -10.69 24.10 10.64
C MET B 73 -9.38 24.66 10.11
N LEU B 74 -9.31 24.87 8.80
CA LEU B 74 -8.25 25.65 8.21
C LEU B 74 -8.09 26.98 8.97
N ILE B 75 -9.11 27.81 8.88
CA ILE B 75 -9.11 29.06 9.59
C ILE B 75 -8.54 28.91 11.00
N LYS B 76 -9.06 27.94 11.77
CA LYS B 76 -8.63 27.77 13.15
C LYS B 76 -7.15 27.41 13.26
N GLU B 77 -6.66 26.60 12.34
CA GLU B 77 -5.26 26.20 12.34
C GLU B 77 -4.34 27.35 11.98
N ILE B 78 -4.75 28.13 11.00
CA ILE B 78 -4.00 29.33 10.63
C ILE B 78 -3.84 30.26 11.84
N LEU B 79 -4.73 30.14 12.80
CA LEU B 79 -4.86 31.12 13.86
C LEU B 79 -4.17 30.79 15.20
N LYS B 80 -3.41 29.71 15.28
CA LYS B 80 -3.22 29.09 16.57
C LYS B 80 -2.18 29.54 17.62
N HIS B 81 -1.02 29.99 17.22
CA HIS B 81 0.01 30.35 18.21
C HIS B 81 -0.30 29.75 19.59
N GLU C 5 20.38 -16.20 3.16
CA GLU C 5 20.51 -17.17 4.29
C GLU C 5 20.71 -18.60 3.78
N SER C 6 19.76 -19.08 2.98
CA SER C 6 19.54 -20.52 2.78
C SER C 6 19.11 -20.82 1.34
N PHE C 7 19.56 -21.97 0.85
CA PHE C 7 19.32 -22.39 -0.53
C PHE C 7 17.83 -22.30 -0.94
N LEU C 8 16.99 -23.10 -0.29
CA LEU C 8 15.62 -23.30 -0.77
C LEU C 8 14.85 -21.99 -0.81
N LEU C 9 15.07 -21.15 0.20
CA LEU C 9 14.38 -19.88 0.30
C LEU C 9 14.60 -18.99 -0.92
N SER C 10 15.84 -18.76 -1.30
CA SER C 10 16.10 -17.87 -2.42
C SER C 10 15.43 -18.44 -3.67
N LYS C 11 15.40 -19.77 -3.79
CA LYS C 11 14.64 -20.40 -4.87
C LYS C 11 13.13 -20.18 -4.74
N VAL C 12 12.60 -20.35 -3.54
CA VAL C 12 11.18 -20.10 -3.36
C VAL C 12 10.76 -18.68 -3.73
N SER C 13 11.50 -17.68 -3.24
CA SER C 13 11.14 -16.31 -3.54
C SER C 13 11.36 -15.95 -5.01
N PHE C 14 12.34 -16.59 -5.65
CA PHE C 14 12.53 -16.35 -7.08
C PHE C 14 11.31 -16.85 -7.85
N VAL C 15 10.77 -18.00 -7.44
CA VAL C 15 9.62 -18.57 -8.15
C VAL C 15 8.32 -17.78 -7.96
N ILE C 16 8.08 -17.30 -6.74
CA ILE C 16 6.92 -16.46 -6.46
C ILE C 16 6.93 -15.20 -7.35
N LYS C 17 8.08 -14.53 -7.41
CA LYS C 17 8.20 -13.37 -8.25
C LYS C 17 8.05 -13.72 -9.73
N LYS C 18 8.52 -14.90 -10.13
CA LYS C 18 8.48 -15.30 -11.54
C LYS C 18 7.04 -15.51 -12.00
N ILE C 19 6.29 -16.27 -11.21
CA ILE C 19 4.89 -16.48 -11.49
C ILE C 19 4.12 -15.17 -11.49
N ARG C 20 4.33 -14.35 -10.47
CA ARG C 20 3.57 -13.12 -10.33
C ARG C 20 3.69 -12.25 -11.60
N LEU C 21 4.91 -12.09 -12.11
CA LEU C 21 5.12 -11.24 -13.28
C LEU C 21 4.56 -11.92 -14.52
N GLU C 22 4.78 -13.23 -14.61
CA GLU C 22 4.13 -14.02 -15.67
C GLU C 22 2.64 -13.72 -15.74
N LYS C 23 1.99 -13.62 -14.58
CA LYS C 23 0.55 -13.36 -14.57
C LYS C 23 0.19 -11.88 -14.64
N GLY C 24 1.19 -11.02 -14.79
CA GLY C 24 0.97 -9.58 -14.87
C GLY C 24 0.43 -8.95 -13.60
N MET C 25 0.52 -9.68 -12.49
CA MET C 25 0.13 -9.15 -11.19
C MET C 25 1.22 -8.25 -10.64
N THR C 26 0.82 -7.20 -9.95
CA THR C 26 1.76 -6.42 -9.16
C THR C 26 1.77 -7.00 -7.76
N GLN C 27 2.76 -6.63 -6.95
CA GLN C 27 2.78 -7.06 -5.55
C GLN C 27 1.45 -6.77 -4.87
N GLU C 28 0.90 -5.58 -5.16
CA GLU C 28 -0.34 -5.12 -4.57
C GLU C 28 -1.40 -6.19 -4.68
N ASP C 29 -1.88 -6.46 -5.93
CA ASP C 29 -2.87 -7.52 -6.15
C ASP C 29 -2.47 -8.73 -5.31
N LEU C 30 -1.30 -9.30 -5.62
CA LEU C 30 -0.92 -10.52 -4.96
C LEU C 30 -1.28 -10.46 -3.48
N ALA C 31 -0.92 -9.37 -2.82
CA ALA C 31 -1.09 -9.28 -1.36
C ALA C 31 -2.55 -9.33 -0.91
N TYR C 32 -3.45 -8.71 -1.63
CA TYR C 32 -4.80 -8.85 -1.22
C TYR C 32 -5.21 -10.21 -1.61
N LYS C 33 -5.09 -10.49 -2.88
CA LYS C 33 -5.60 -11.74 -3.43
C LYS C 33 -5.25 -12.95 -2.57
N SER C 34 -4.20 -12.83 -1.76
CA SER C 34 -3.70 -13.94 -1.00
C SER C 34 -3.65 -13.67 0.51
N ASN C 35 -4.25 -12.56 0.93
CA ASN C 35 -4.52 -12.27 2.34
C ASN C 35 -3.25 -12.16 3.19
N LEU C 36 -2.25 -11.47 2.66
CA LEU C 36 -1.09 -11.05 3.45
C LEU C 36 -0.81 -9.55 3.26
N ASP C 37 0.03 -9.01 4.14
CA ASP C 37 0.44 -7.60 4.03
C ASP C 37 1.10 -7.27 2.69
N ARG C 38 0.91 -6.04 2.23
CA ARG C 38 1.63 -5.54 1.06
C ARG C 38 3.13 -5.64 1.31
N THR C 39 3.54 -5.28 2.54
CA THR C 39 4.93 -5.40 2.95
C THR C 39 5.41 -6.84 2.98
N TYR C 40 4.60 -7.77 3.46
CA TYR C 40 5.10 -9.13 3.53
C TYR C 40 5.53 -9.64 2.17
N ILE C 41 4.70 -9.42 1.15
CA ILE C 41 4.95 -9.93 -0.18
C ILE C 41 6.24 -9.34 -0.73
N SER C 42 6.42 -8.04 -0.51
CA SER C 42 7.63 -7.36 -0.89
C SER C 42 8.82 -8.05 -0.25
N GLY C 43 8.73 -8.26 1.05
CA GLY C 43 9.83 -8.79 1.83
C GLY C 43 10.22 -10.20 1.43
N ILE C 44 9.23 -11.03 1.14
CA ILE C 44 9.52 -12.32 0.53
C ILE C 44 10.32 -12.13 -0.73
N GLU C 45 9.92 -11.18 -1.58
CA GLU C 45 10.51 -11.11 -2.90
C GLU C 45 11.94 -10.60 -2.87
N ARG C 46 12.27 -9.72 -1.94
CA ARG C 46 13.67 -9.42 -1.62
C ARG C 46 14.28 -10.54 -0.78
N ASN C 47 13.73 -11.74 -0.94
CA ASN C 47 14.28 -12.96 -0.38
C ASN C 47 14.70 -12.76 1.07
N SER C 48 14.11 -11.76 1.71
CA SER C 48 14.42 -11.48 3.10
C SER C 48 13.45 -12.17 4.04
N ARG C 49 12.71 -13.16 3.54
CA ARG C 49 11.77 -13.84 4.42
C ARG C 49 11.63 -15.37 4.35
N ASN C 50 11.55 -15.99 5.53
CA ASN C 50 11.44 -17.43 5.62
C ASN C 50 10.02 -17.82 6.00
N LEU C 51 9.19 -18.09 5.00
CA LEU C 51 7.77 -18.35 5.24
C LEU C 51 7.40 -19.77 5.66
N THR C 52 6.27 -19.82 6.32
CA THR C 52 5.58 -21.02 6.74
C THR C 52 4.91 -21.71 5.56
N ILE C 53 4.76 -23.02 5.61
CA ILE C 53 3.99 -23.68 4.56
C ILE C 53 2.60 -23.05 4.41
N LYS C 54 1.90 -22.85 5.53
CA LYS C 54 0.58 -22.24 5.46
C LYS C 54 0.62 -20.95 4.65
N SER C 55 1.66 -20.14 4.84
CA SER C 55 1.74 -18.89 4.12
C SER C 55 1.98 -19.15 2.65
N LEU C 56 2.90 -20.07 2.36
CA LEU C 56 3.15 -20.50 0.99
C LEU C 56 1.83 -20.85 0.33
N GLU C 57 1.05 -21.68 0.99
CA GLU C 57 -0.25 -22.09 0.47
C GLU C 57 -1.11 -20.87 0.11
N LEU C 58 -1.12 -19.86 0.97
CA LEU C 58 -1.94 -18.68 0.76
C LEU C 58 -1.42 -17.90 -0.45
N ILE C 59 -0.11 -17.85 -0.60
CA ILE C 59 0.48 -17.20 -1.74
C ILE C 59 0.15 -17.96 -3.03
N MET C 60 0.14 -19.29 -2.95
CA MET C 60 -0.17 -20.09 -4.12
C MET C 60 -1.60 -19.84 -4.58
N LYS C 61 -2.54 -19.76 -3.64
CA LYS C 61 -3.90 -19.44 -4.00
C LYS C 61 -3.94 -18.01 -4.51
N GLY C 62 -2.95 -17.23 -4.10
CA GLY C 62 -2.88 -15.85 -4.53
C GLY C 62 -2.49 -15.74 -5.98
N LEU C 63 -1.50 -16.52 -6.37
CA LEU C 63 -1.01 -16.51 -7.74
C LEU C 63 -1.95 -17.26 -8.66
N GLU C 64 -3.05 -17.77 -8.09
CA GLU C 64 -4.04 -18.51 -8.87
C GLU C 64 -3.34 -19.69 -9.55
N VAL C 65 -2.62 -20.47 -8.76
CA VAL C 65 -1.78 -21.54 -9.26
C VAL C 65 -1.87 -22.76 -8.33
N SER C 66 -1.79 -23.97 -8.88
CA SER C 66 -1.94 -25.14 -8.02
C SER C 66 -0.64 -25.49 -7.28
N ASP C 67 -0.76 -26.01 -6.06
CA ASP C 67 0.41 -26.52 -5.31
C ASP C 67 1.30 -27.33 -6.26
N VAL C 68 0.71 -28.28 -6.95
CA VAL C 68 1.45 -29.07 -7.93
C VAL C 68 2.28 -28.18 -8.84
N VAL C 69 1.65 -27.39 -9.70
CA VAL C 69 2.42 -26.63 -10.69
C VAL C 69 3.42 -25.72 -10.02
N PHE C 70 3.15 -25.28 -8.80
CA PHE C 70 4.13 -24.44 -8.14
C PHE C 70 5.41 -25.21 -7.90
N PHE C 71 5.27 -26.40 -7.31
CA PHE C 71 6.44 -27.19 -6.97
C PHE C 71 7.18 -27.67 -8.22
N GLU C 72 6.47 -27.76 -9.33
CA GLU C 72 7.09 -28.17 -10.58
C GLU C 72 8.00 -27.06 -11.08
N MET C 73 7.78 -25.85 -10.56
CA MET C 73 8.53 -24.70 -11.02
C MET C 73 9.69 -24.47 -10.08
N LEU C 74 9.43 -24.71 -8.79
CA LEU C 74 10.50 -24.88 -7.82
C LEU C 74 11.57 -25.81 -8.37
N ILE C 75 11.21 -27.08 -8.53
CA ILE C 75 12.13 -28.05 -9.06
C ILE C 75 12.96 -27.48 -10.21
N LYS C 76 12.29 -26.87 -11.18
CA LYS C 76 12.99 -26.38 -12.36
C LYS C 76 13.96 -25.26 -12.03
N GLU C 77 13.56 -24.37 -11.13
CA GLU C 77 14.43 -23.29 -10.68
C GLU C 77 15.66 -23.81 -9.95
N ILE C 78 15.45 -24.79 -9.08
CA ILE C 78 16.54 -25.39 -8.35
C ILE C 78 17.59 -25.93 -9.32
N LEU C 79 17.18 -26.26 -10.54
CA LEU C 79 18.02 -27.00 -11.47
C LEU C 79 18.80 -26.19 -12.52
N LYS C 80 18.69 -24.87 -12.52
CA LYS C 80 19.07 -24.08 -13.69
C LYS C 80 20.54 -24.15 -14.16
N HIS C 81 21.44 -23.63 -13.33
CA HIS C 81 22.83 -23.26 -13.73
C HIS C 81 23.00 -22.41 -15.00
N GLU D 5 -6.87 -27.38 9.78
CA GLU D 5 -5.60 -28.00 9.28
C GLU D 5 -5.44 -27.77 7.79
N SER D 6 -4.19 -27.80 7.32
CA SER D 6 -3.91 -27.51 5.94
C SER D 6 -3.61 -28.78 5.15
N PHE D 7 -4.17 -28.88 3.96
CA PHE D 7 -3.93 -30.02 3.07
C PHE D 7 -2.44 -30.20 2.76
N LEU D 8 -1.81 -29.13 2.28
CA LEU D 8 -0.39 -29.14 1.97
C LEU D 8 0.42 -29.54 3.20
N LEU D 9 0.14 -28.88 4.32
CA LEU D 9 0.91 -29.12 5.52
C LEU D 9 0.84 -30.60 5.88
N SER D 10 -0.28 -31.25 5.58
CA SER D 10 -0.46 -32.64 5.96
C SER D 10 0.20 -33.63 5.00
N LYS D 11 0.40 -33.23 3.76
CA LYS D 11 1.06 -34.09 2.79
C LYS D 11 2.56 -33.99 3.01
N VAL D 12 3.02 -32.80 3.39
CA VAL D 12 4.41 -32.59 3.68
C VAL D 12 4.82 -33.54 4.80
N SER D 13 4.06 -33.52 5.88
CA SER D 13 4.34 -34.39 7.01
C SER D 13 4.25 -35.86 6.61
N PHE D 14 3.19 -36.22 5.88
CA PHE D 14 3.05 -37.60 5.44
C PHE D 14 4.32 -38.05 4.70
N VAL D 15 4.80 -37.21 3.80
CA VAL D 15 6.02 -37.47 3.05
C VAL D 15 7.24 -37.63 3.97
N ILE D 16 7.48 -36.65 4.83
CA ILE D 16 8.59 -36.75 5.76
C ILE D 16 8.58 -38.12 6.42
N LYS D 17 7.43 -38.49 6.97
CA LYS D 17 7.28 -39.80 7.60
C LYS D 17 7.57 -40.94 6.61
N LYS D 18 7.07 -40.80 5.38
CA LYS D 18 7.27 -41.82 4.36
C LYS D 18 8.74 -42.01 4.08
N ILE D 19 9.47 -40.91 3.88
CA ILE D 19 10.87 -41.04 3.53
C ILE D 19 11.64 -41.63 4.69
N ARG D 20 11.35 -41.17 5.90
CA ARG D 20 11.99 -41.69 7.09
C ARG D 20 11.80 -43.21 7.17
N LEU D 21 10.60 -43.66 6.81
CA LEU D 21 10.26 -45.06 6.95
C LEU D 21 10.92 -45.91 5.90
N GLU D 22 10.92 -45.44 4.65
CA GLU D 22 11.67 -46.08 3.58
C GLU D 22 13.15 -46.21 3.92
N LYS D 23 13.64 -45.35 4.80
CA LYS D 23 15.03 -45.39 5.22
C LYS D 23 15.21 -46.17 6.52
N GLY D 24 14.14 -46.81 6.98
CA GLY D 24 14.14 -47.49 8.28
C GLY D 24 14.69 -46.68 9.43
N MET D 25 14.56 -45.35 9.37
CA MET D 25 14.99 -44.44 10.43
C MET D 25 13.92 -44.25 11.51
N THR D 26 14.33 -44.30 12.77
CA THR D 26 13.50 -43.78 13.85
C THR D 26 13.42 -42.25 13.83
N GLN D 27 12.39 -41.70 14.49
CA GLN D 27 12.35 -40.28 14.83
C GLN D 27 13.57 -39.81 15.59
N GLU D 28 13.95 -40.56 16.62
CA GLU D 28 15.06 -40.15 17.47
C GLU D 28 16.24 -39.90 16.55
N ASP D 29 16.50 -40.87 15.68
CA ASP D 29 17.59 -40.76 14.73
C ASP D 29 17.41 -39.60 13.73
N LEU D 30 16.21 -39.41 13.20
CA LEU D 30 15.99 -38.27 12.31
C LEU D 30 16.29 -36.97 13.04
N ALA D 31 15.97 -36.93 14.34
CA ALA D 31 16.15 -35.72 15.11
C ALA D 31 17.63 -35.46 15.35
N TYR D 32 18.36 -36.50 15.76
CA TYR D 32 19.81 -36.41 15.87
C TYR D 32 20.41 -35.93 14.54
N LYS D 33 20.03 -36.59 13.45
CA LYS D 33 20.70 -36.40 12.17
C LYS D 33 20.56 -34.98 11.66
N SER D 34 19.43 -34.36 11.96
CA SER D 34 19.09 -33.07 11.39
C SER D 34 19.32 -31.92 12.38
N ASN D 35 19.87 -32.26 13.55
CA ASN D 35 19.94 -31.32 14.67
C ASN D 35 18.64 -30.53 14.87
N LEU D 36 17.56 -31.24 15.17
CA LEU D 36 16.36 -30.66 15.73
C LEU D 36 15.89 -31.53 16.88
N ASP D 37 14.68 -31.27 17.38
CA ASP D 37 14.23 -31.90 18.63
C ASP D 37 13.22 -33.00 18.37
N ARG D 38 13.42 -34.15 19.02
CA ARG D 38 12.53 -35.29 18.86
C ARG D 38 11.06 -34.89 18.99
N THR D 39 10.76 -34.06 19.99
CA THR D 39 9.40 -33.64 20.24
C THR D 39 8.92 -32.78 19.08
N TYR D 40 9.87 -32.14 18.47
CA TYR D 40 9.61 -31.35 17.33
C TYR D 40 9.13 -32.24 16.22
N ILE D 41 9.95 -33.19 15.86
CA ILE D 41 9.72 -34.09 14.76
C ILE D 41 8.46 -34.91 14.97
N SER D 42 8.28 -35.41 16.19
CA SER D 42 7.06 -36.11 16.49
C SER D 42 5.90 -35.24 16.06
N GLY D 43 5.89 -34.01 16.56
CA GLY D 43 4.79 -33.08 16.33
C GLY D 43 4.49 -32.83 14.87
N ILE D 44 5.55 -32.65 14.07
CA ILE D 44 5.39 -32.49 12.64
C ILE D 44 4.70 -33.70 12.04
N GLU D 45 5.07 -34.87 12.54
CA GLU D 45 4.70 -36.11 11.89
C GLU D 45 3.27 -36.51 12.18
N ARG D 46 2.72 -35.99 13.27
CA ARG D 46 1.27 -36.02 13.48
C ARG D 46 0.66 -34.68 13.11
N ASN D 47 1.34 -34.00 12.17
CA ASN D 47 0.83 -32.82 11.47
C ASN D 47 0.47 -31.63 12.36
N SER D 48 0.91 -31.68 13.62
CA SER D 48 0.62 -30.65 14.62
C SER D 48 1.63 -29.48 14.66
N ARG D 49 2.44 -29.36 13.63
CA ARG D 49 3.27 -28.17 13.45
C ARG D 49 3.26 -27.71 12.01
N ASN D 50 3.32 -26.40 11.82
CA ASN D 50 3.30 -25.76 10.49
C ASN D 50 4.65 -25.10 10.26
N LEU D 51 5.55 -25.81 9.61
CA LEU D 51 6.97 -25.49 9.73
C LEU D 51 7.40 -24.48 8.69
N THR D 52 8.44 -23.72 9.02
CA THR D 52 9.02 -22.77 8.09
C THR D 52 9.98 -23.47 7.13
N ILE D 53 10.02 -22.98 5.89
CA ILE D 53 10.87 -23.54 4.86
C ILE D 53 12.23 -23.94 5.43
N LYS D 54 12.84 -23.05 6.23
CA LYS D 54 14.15 -23.34 6.79
C LYS D 54 14.16 -24.66 7.55
N SER D 55 13.09 -24.91 8.28
CA SER D 55 13.00 -26.14 9.07
C SER D 55 12.86 -27.32 8.14
N LEU D 56 12.06 -27.14 7.09
CA LEU D 56 11.86 -28.19 6.13
C LEU D 56 13.23 -28.58 5.59
N GLU D 57 14.06 -27.57 5.40
CA GLU D 57 15.34 -27.77 4.74
C GLU D 57 16.23 -28.59 5.68
N LEU D 58 16.10 -28.33 6.98
CA LEU D 58 16.91 -29.02 7.95
C LEU D 58 16.50 -30.50 8.03
N ILE D 59 15.23 -30.77 7.78
CA ILE D 59 14.67 -32.10 7.94
C ILE D 59 15.06 -32.89 6.71
N MET D 60 15.11 -32.19 5.58
CA MET D 60 15.58 -32.77 4.34
C MET D 60 17.04 -33.19 4.45
N LYS D 61 17.86 -32.37 5.10
CA LYS D 61 19.27 -32.72 5.28
C LYS D 61 19.42 -33.92 6.19
N GLY D 62 18.46 -34.06 7.10
CA GLY D 62 18.48 -35.14 8.08
C GLY D 62 18.00 -36.44 7.46
N LEU D 63 16.92 -36.36 6.69
CA LEU D 63 16.50 -37.50 5.87
C LEU D 63 17.57 -37.87 4.86
N GLU D 64 18.43 -36.91 4.55
CA GLU D 64 19.50 -37.06 3.54
C GLU D 64 18.96 -37.17 2.12
N VAL D 65 17.98 -36.33 1.84
CA VAL D 65 17.36 -36.28 0.52
C VAL D 65 17.45 -34.88 -0.08
N SER D 66 17.68 -34.82 -1.39
CA SER D 66 17.79 -33.55 -2.08
C SER D 66 16.40 -32.95 -2.17
N ASP D 67 16.33 -31.62 -2.09
CA ASP D 67 15.07 -30.90 -2.25
C ASP D 67 14.33 -31.41 -3.49
N VAL D 68 15.06 -31.61 -4.57
CA VAL D 68 14.43 -32.10 -5.77
C VAL D 68 13.65 -33.40 -5.58
N VAL D 69 14.28 -34.43 -5.01
CA VAL D 69 13.55 -35.70 -4.82
C VAL D 69 12.46 -35.58 -3.78
N PHE D 70 12.61 -34.63 -2.86
CA PHE D 70 11.58 -34.43 -1.84
C PHE D 70 10.32 -33.92 -2.50
N PHE D 71 10.47 -32.93 -3.37
CA PHE D 71 9.32 -32.31 -4.00
C PHE D 71 8.73 -33.21 -5.07
N GLU D 72 9.58 -33.96 -5.74
CA GLU D 72 9.09 -34.98 -6.68
C GLU D 72 8.12 -35.88 -5.92
N MET D 73 8.50 -36.28 -4.72
CA MET D 73 7.67 -37.17 -3.92
C MET D 73 6.42 -36.45 -3.45
N LEU D 74 6.58 -35.19 -3.09
CA LEU D 74 5.48 -34.42 -2.51
C LEU D 74 4.37 -34.29 -3.55
N ILE D 75 4.76 -34.05 -4.79
CA ILE D 75 3.81 -33.93 -5.88
C ILE D 75 3.09 -35.24 -6.06
N LYS D 76 3.84 -36.33 -6.06
CA LYS D 76 3.25 -37.64 -6.28
C LYS D 76 2.20 -37.87 -5.20
N GLU D 77 2.53 -37.53 -3.97
CA GLU D 77 1.67 -37.80 -2.84
C GLU D 77 0.40 -36.95 -2.92
N ILE D 78 0.58 -35.68 -3.27
CA ILE D 78 -0.52 -34.75 -3.43
C ILE D 78 -1.57 -35.27 -4.42
N LEU D 79 -1.09 -35.93 -5.49
CA LEU D 79 -1.98 -36.35 -6.58
C LEU D 79 -2.82 -37.59 -6.28
N LYS D 80 -2.58 -38.21 -5.13
CA LYS D 80 -3.53 -39.16 -4.54
C LYS D 80 -3.07 -40.59 -4.75
MG MG G . -7.29 6.88 -9.78
MG MG H . -4.50 -10.40 7.30
#